data_5XUG
#
_entry.id   5XUG
#
_cell.length_a   44.501
_cell.length_b   58.487
_cell.length_c   105.176
_cell.angle_alpha   90.00
_cell.angle_beta   90.00
_cell.angle_gamma   90.00
#
_symmetry.space_group_name_H-M   'P 21 21 21'
#
loop_
_entity.id
_entity.type
_entity.pdbx_description
1 polymer endo-1,4-beta-mannanase
2 branched beta-D-mannopyranose-(1-4)-beta-D-mannopyranose-(1-4)-beta-D-mannopyranose-(1-4)-beta-D-mannopyranose-(1-4)-beta-D-mannopyranose
3 branched beta-D-mannopyranose-(1-4)-beta-D-mannopyranose-(1-4)-beta-D-mannopyranose
4 water water
#
_entity_poly.entity_id   1
_entity_poly.type   'polypeptide(L)'
_entity_poly.pdbx_seq_one_letter_code
;ADRGTETVPGLGQRKQQILNSGGGVWDLAIAMLETKNLGTDYVYGDGKTYDSANFGIFKQNWFMLRTSTSQFKGQTTNQW
NNGAVLNSNLQQDIKARQESQNYYGPDKWFAGHRNGESGLSNPYTQDITNYKDAVNWIHDQLASDPKYLSDDTRFWVDVT
AI
;
_entity_poly.pdbx_strand_id   B,A
#
loop_
_chem_comp.id
_chem_comp.type
_chem_comp.name
_chem_comp.formula
BMA D-saccharide, beta linking beta-D-mannopyranose 'C6 H12 O6'
#
# COMPACT_ATOMS: atom_id res chain seq x y z
N ALA A 1 23.76 8.62 -17.34
CA ALA A 1 22.40 8.56 -16.80
C ALA A 1 22.47 8.53 -15.27
N ASP A 2 21.29 8.52 -14.64
CA ASP A 2 21.18 8.51 -13.18
C ASP A 2 20.43 7.27 -12.69
N ARG A 3 20.33 6.25 -13.54
CA ARG A 3 19.71 5.00 -13.17
C ARG A 3 20.18 3.92 -14.12
N GLY A 4 20.13 2.68 -13.67
CA GLY A 4 20.52 1.58 -14.52
C GLY A 4 20.42 0.23 -13.83
N THR A 5 21.28 -0.69 -14.25
CA THR A 5 21.29 -2.07 -13.78
C THR A 5 22.69 -2.45 -13.32
N GLU A 6 22.75 -3.47 -12.47
CA GLU A 6 24.02 -4.00 -11.99
C GLU A 6 23.74 -5.40 -11.44
N THR A 7 24.69 -6.30 -11.59
CA THR A 7 24.48 -7.68 -11.16
C THR A 7 24.95 -7.85 -9.72
N VAL A 8 24.09 -8.44 -8.88
CA VAL A 8 24.47 -8.66 -7.48
C VAL A 8 24.27 -10.13 -7.15
N PRO A 9 25.34 -10.91 -6.97
CA PRO A 9 25.19 -12.36 -6.86
C PRO A 9 24.35 -12.75 -5.64
N GLY A 10 23.41 -13.65 -5.87
CA GLY A 10 22.50 -14.07 -4.84
C GLY A 10 21.22 -13.27 -4.76
N LEU A 11 21.18 -12.07 -5.37
CA LEU A 11 20.01 -11.21 -5.25
C LEU A 11 18.71 -11.94 -5.57
N GLY A 12 18.72 -12.84 -6.55
CA GLY A 12 17.50 -13.51 -6.95
C GLY A 12 16.90 -14.35 -5.83
N GLN A 13 17.74 -14.97 -5.02
CA GLN A 13 17.22 -15.75 -3.91
C GLN A 13 16.67 -14.87 -2.82
N ARG A 14 17.20 -13.64 -2.67
CA ARG A 14 16.63 -12.71 -1.70
C ARG A 14 15.29 -12.16 -2.18
N LYS A 15 15.17 -11.87 -3.49
CA LYS A 15 13.90 -11.43 -4.06
C LYS A 15 12.80 -12.44 -3.80
N GLN A 16 13.09 -13.73 -4.04
CA GLN A 16 12.09 -14.77 -3.83
C GLN A 16 11.72 -14.87 -2.36
N GLN A 17 12.71 -14.75 -1.46
CA GLN A 17 12.38 -14.79 -0.05
C GLN A 17 11.40 -13.68 0.31
N ILE A 18 11.62 -12.47 -0.21
CA ILE A 18 10.72 -11.36 0.10
C ILE A 18 9.32 -11.63 -0.47
N LEU A 19 9.26 -12.20 -1.68
CA LEU A 19 7.97 -12.50 -2.30
C LEU A 19 7.29 -13.71 -1.68
N ASN A 20 8.02 -14.53 -0.92
CA ASN A 20 7.45 -15.68 -0.22
C ASN A 20 7.21 -15.41 1.27
N SER A 21 7.59 -14.24 1.76
CA SER A 21 7.42 -13.89 3.17
C SER A 21 6.48 -12.71 3.34
N GLY A 22 5.51 -12.56 2.44
CA GLY A 22 4.52 -11.51 2.57
C GLY A 22 4.78 -10.24 1.77
N GLY A 23 5.82 -10.21 0.93
CA GLY A 23 6.07 -9.05 0.12
C GLY A 23 5.44 -9.12 -1.27
N GLY A 24 5.20 -7.93 -1.85
CA GLY A 24 4.83 -7.82 -3.24
C GLY A 24 5.89 -7.04 -4.01
N VAL A 25 5.72 -6.98 -5.33
CA VAL A 25 6.70 -6.32 -6.20
C VAL A 25 6.91 -4.87 -5.76
N TRP A 26 5.89 -4.27 -5.18
CA TRP A 26 6.03 -2.90 -4.70
C TRP A 26 7.06 -2.83 -3.55
N ASP A 27 6.97 -3.74 -2.57
CA ASP A 27 7.96 -3.76 -1.50
C ASP A 27 9.35 -4.06 -2.04
N LEU A 28 9.47 -4.98 -3.00
CA LEU A 28 10.75 -5.30 -3.59
C LEU A 28 11.40 -4.05 -4.18
N ALA A 29 10.62 -3.23 -4.89
CA ALA A 29 11.19 -2.04 -5.49
C ALA A 29 11.65 -1.04 -4.43
N ILE A 30 10.89 -0.88 -3.35
CA ILE A 30 11.34 0.02 -2.28
C ILE A 30 12.65 -0.48 -1.67
N ALA A 31 12.69 -1.77 -1.35
CA ALA A 31 13.88 -2.33 -0.72
C ALA A 31 15.06 -2.31 -1.67
N MET A 32 14.81 -2.43 -2.99
CA MET A 32 15.88 -2.43 -3.98
C MET A 32 16.64 -1.10 -3.98
N LEU A 33 15.95 0.01 -3.74
CA LEU A 33 16.61 1.31 -3.76
C LEU A 33 17.38 1.56 -2.46
N GLU A 34 16.84 1.06 -1.33
CA GLU A 34 17.46 1.32 -0.03
C GLU A 34 18.86 0.71 0.06
N THR A 35 19.01 -0.54 -0.37
CA THR A 35 20.29 -1.24 -0.23
C THR A 35 20.58 -2.06 -1.49
N LYS A 36 21.85 -2.44 -1.64
CA LYS A 36 22.28 -3.11 -2.85
C LYS A 36 21.94 -4.58 -2.84
N ASN A 37 21.90 -5.21 -1.67
CA ASN A 37 21.75 -6.64 -1.59
C ASN A 37 20.49 -7.05 -0.85
N LEU A 38 19.52 -6.15 -0.72
CA LEU A 38 18.23 -6.44 -0.09
C LEU A 38 18.39 -6.99 1.34
N GLY A 39 19.37 -6.48 2.05
CA GLY A 39 19.62 -6.96 3.40
C GLY A 39 19.59 -5.89 4.47
N THR A 40 20.22 -6.20 5.60
CA THR A 40 20.17 -5.32 6.77
C THR A 40 21.55 -5.15 7.39
N ASP A 41 22.62 -5.33 6.62
CA ASP A 41 23.98 -5.23 7.15
C ASP A 41 24.63 -3.88 6.85
N TYR A 42 23.82 -2.83 6.66
CA TYR A 42 24.31 -1.48 6.79
C TYR A 42 24.56 -1.16 8.26
N VAL A 43 25.23 -0.04 8.51
CA VAL A 43 25.54 0.34 9.89
C VAL A 43 24.26 0.46 10.70
N TYR A 44 24.30 -0.05 11.92
CA TYR A 44 23.17 0.01 12.85
C TYR A 44 22.47 1.37 12.78
N GLY A 45 21.14 1.33 12.63
CA GLY A 45 20.34 2.53 12.56
C GLY A 45 20.62 3.39 11.36
N ASP A 46 21.42 2.88 10.43
CA ASP A 46 22.00 3.69 9.35
C ASP A 46 22.74 4.91 9.90
N GLY A 47 23.30 4.78 11.09
CA GLY A 47 24.07 5.86 11.69
C GLY A 47 23.27 6.86 12.48
N LYS A 48 21.95 6.75 12.50
CA LYS A 48 21.10 7.75 13.12
C LYS A 48 20.48 7.21 14.41
N THR A 49 19.96 8.13 15.21
CA THR A 49 19.49 7.85 16.56
C THR A 49 18.08 8.39 16.73
N TYR A 50 17.40 7.85 17.74
CA TYR A 50 16.07 8.30 18.17
C TYR A 50 15.11 8.19 16.98
N ASP A 51 14.29 9.21 16.70
CA ASP A 51 13.27 9.06 15.66
C ASP A 51 13.86 8.91 14.27
N SER A 52 15.15 9.20 14.07
CA SER A 52 15.77 9.14 12.75
C SER A 52 16.32 7.76 12.40
N ALA A 53 16.53 6.90 13.40
CA ALA A 53 17.15 5.61 13.20
C ALA A 53 16.43 4.80 12.14
N ASN A 54 17.18 4.03 11.35
CA ASN A 54 16.64 3.23 10.26
C ASN A 54 16.81 1.75 10.57
N PHE A 55 15.77 0.96 10.32
CA PHE A 55 15.83 -0.48 10.54
C PHE A 55 15.19 -1.22 9.37
N GLY A 56 15.57 -2.49 9.22
CA GLY A 56 14.98 -3.34 8.21
C GLY A 56 15.47 -3.04 6.79
N ILE A 57 15.00 -3.87 5.85
CA ILE A 57 15.46 -3.78 4.47
C ILE A 57 14.97 -2.52 3.79
N PHE A 58 13.91 -1.88 4.26
CA PHE A 58 13.46 -0.65 3.65
C PHE A 58 14.03 0.58 4.34
N LYS A 59 14.70 0.40 5.48
CA LYS A 59 15.23 1.50 6.29
C LYS A 59 14.13 2.41 6.79
N GLN A 60 13.08 1.80 7.34
CA GLN A 60 12.03 2.57 8.00
C GLN A 60 12.61 3.29 9.20
N ASN A 61 12.26 4.56 9.36
CA ASN A 61 12.74 5.31 10.51
C ASN A 61 11.87 5.04 11.75
N TRP A 62 12.47 5.23 12.94
CA TRP A 62 11.76 4.87 14.16
C TRP A 62 10.49 5.68 14.35
N PHE A 63 10.48 6.95 13.94
CA PHE A 63 9.25 7.74 14.10
C PHE A 63 8.09 7.05 13.39
N MET A 64 8.31 6.59 12.16
CA MET A 64 7.24 5.94 11.42
C MET A 64 6.84 4.63 12.09
N LEU A 65 7.81 3.89 12.62
CA LEU A 65 7.52 2.56 13.16
C LEU A 65 6.70 2.64 14.45
N ARG A 66 6.93 3.64 15.27
CA ARG A 66 6.26 3.72 16.55
C ARG A 66 4.92 4.44 16.47
N THR A 67 4.64 5.16 15.39
CA THR A 67 3.34 5.80 15.23
C THR A 67 2.36 5.00 14.38
N SER A 68 2.84 4.07 13.55
CA SER A 68 1.95 3.52 12.53
C SER A 68 2.05 2.01 12.36
N THR A 69 2.77 1.28 13.23
CA THR A 69 2.82 -0.17 13.18
C THR A 69 2.24 -0.75 14.45
N SER A 70 1.66 -1.94 14.36
CA SER A 70 1.14 -2.53 15.58
C SER A 70 2.26 -3.10 16.42
N GLN A 71 3.35 -3.54 15.78
CA GLN A 71 4.47 -4.05 16.55
C GLN A 71 5.06 -3.01 17.48
N PHE A 72 5.02 -1.73 17.11
CA PHE A 72 5.68 -0.71 17.92
C PHE A 72 4.75 0.41 18.37
N LYS A 73 3.44 0.29 18.13
CA LYS A 73 2.48 1.34 18.42
C LYS A 73 2.59 1.84 19.85
N GLY A 74 2.68 3.15 20.01
CA GLY A 74 2.71 3.76 21.32
C GLY A 74 4.08 3.84 21.96
N GLN A 75 5.10 3.30 21.31
CA GLN A 75 6.40 3.38 21.94
C GLN A 75 6.98 4.78 21.76
N THR A 76 7.95 5.08 22.61
CA THR A 76 8.49 6.43 22.69
C THR A 76 9.77 6.51 21.88
N THR A 77 10.21 7.75 21.65
CA THR A 77 11.48 7.98 20.96
C THR A 77 12.64 7.31 21.70
N ASN A 78 12.53 7.17 23.02
CA ASN A 78 13.60 6.56 23.77
C ASN A 78 13.70 5.06 23.57
N GLN A 79 12.61 4.39 23.19
CA GLN A 79 12.70 2.96 22.95
C GLN A 79 13.20 2.65 21.53
N TRP A 80 13.92 3.59 20.91
CA TRP A 80 14.21 3.45 19.49
C TRP A 80 15.06 2.22 19.18
N ASN A 81 15.82 1.71 20.14
CA ASN A 81 16.58 0.49 19.88
C ASN A 81 15.69 -0.73 19.67
N ASN A 82 14.40 -0.64 20.01
CA ASN A 82 13.50 -1.77 19.84
C ASN A 82 13.23 -2.09 18.37
N GLY A 83 13.39 -1.12 17.46
CA GLY A 83 13.20 -1.39 16.04
C GLY A 83 14.19 -2.38 15.46
N ALA A 84 15.34 -2.57 16.13
CA ALA A 84 16.40 -3.46 15.65
C ALA A 84 15.91 -4.87 15.41
N VAL A 85 14.79 -5.29 16.01
CA VAL A 85 14.33 -6.67 15.80
C VAL A 85 14.00 -6.90 14.34
N LEU A 86 13.59 -5.86 13.61
CA LEU A 86 13.27 -6.03 12.21
C LEU A 86 14.50 -6.38 11.38
N ASN A 87 15.70 -6.14 11.91
CA ASN A 87 16.91 -6.47 11.18
C ASN A 87 17.06 -7.97 10.97
N SER A 88 16.40 -8.79 11.78
CA SER A 88 16.54 -10.24 11.67
C SER A 88 15.21 -10.96 11.52
N ASN A 89 14.11 -10.23 11.37
CA ASN A 89 12.79 -10.83 11.18
C ASN A 89 12.22 -10.22 9.90
N LEU A 90 12.42 -10.91 8.77
CA LEU A 90 11.98 -10.35 7.50
C LEU A 90 10.46 -10.19 7.45
N GLN A 91 9.73 -11.21 7.90
CA GLN A 91 8.26 -11.14 7.87
C GLN A 91 7.73 -9.91 8.60
N GLN A 92 8.31 -9.58 9.76
CA GLN A 92 7.84 -8.42 10.52
C GLN A 92 8.25 -7.13 9.83
N ASP A 93 9.47 -7.10 9.32
CA ASP A 93 9.93 -5.98 8.49
C ASP A 93 8.90 -5.64 7.43
N ILE A 94 8.63 -6.60 6.54
CA ILE A 94 7.67 -6.39 5.47
C ILE A 94 6.30 -6.01 6.02
N LYS A 95 5.88 -6.66 7.09
CA LYS A 95 4.52 -6.40 7.56
C LYS A 95 4.41 -5.03 8.19
N ALA A 96 5.42 -4.64 8.98
CA ALA A 96 5.44 -3.29 9.55
C ALA A 96 5.33 -2.23 8.46
N ARG A 97 6.06 -2.40 7.35
CA ARG A 97 6.06 -1.38 6.32
C ARG A 97 4.71 -1.33 5.61
N GLN A 98 4.13 -2.48 5.31
CA GLN A 98 2.82 -2.49 4.66
C GLN A 98 1.78 -1.82 5.55
N GLU A 99 1.81 -2.14 6.86
CA GLU A 99 0.88 -1.52 7.81
C GLU A 99 1.10 -0.02 7.91
N SER A 100 2.36 0.41 7.89
CA SER A 100 2.68 1.84 7.97
C SER A 100 2.07 2.60 6.79
N GLN A 101 2.30 2.09 5.58
CA GLN A 101 1.72 2.73 4.39
C GLN A 101 0.20 2.76 4.47
N ASN A 102 -0.42 1.68 4.94
CA ASN A 102 -1.87 1.65 5.01
C ASN A 102 -2.42 2.51 6.14
N TYR A 103 -1.60 2.84 7.15
CA TYR A 103 -2.07 3.75 8.17
C TYR A 103 -2.05 5.20 7.69
N TYR A 104 -0.97 5.59 6.99
CA TYR A 104 -0.79 6.97 6.54
C TYR A 104 -1.32 7.22 5.13
N GLY A 105 -1.44 6.17 4.31
CA GLY A 105 -1.67 6.34 2.90
C GLY A 105 -0.35 6.40 2.14
N PRO A 106 -0.37 6.05 0.86
CA PRO A 106 0.91 6.01 0.10
C PRO A 106 1.69 7.31 0.09
N ASP A 107 1.03 8.45 -0.11
CA ASP A 107 1.74 9.72 -0.28
C ASP A 107 2.28 10.28 1.05
N LYS A 108 1.49 10.23 2.12
CA LYS A 108 2.06 10.63 3.41
C LYS A 108 3.06 9.60 3.93
N TRP A 109 2.87 8.31 3.64
CA TRP A 109 3.91 7.34 4.00
C TRP A 109 5.22 7.71 3.33
N PHE A 110 5.15 8.03 2.04
CA PHE A 110 6.34 8.50 1.34
C PHE A 110 6.96 9.68 2.08
N ALA A 111 6.15 10.70 2.38
CA ALA A 111 6.66 11.88 3.05
C ALA A 111 7.27 11.54 4.40
N GLY A 112 6.62 10.65 5.14
CA GLY A 112 7.12 10.27 6.44
C GLY A 112 8.37 9.42 6.37
N HIS A 113 8.40 8.46 5.43
CA HIS A 113 9.58 7.62 5.23
C HIS A 113 10.80 8.44 4.90
N ARG A 114 10.65 9.44 4.02
CA ARG A 114 11.77 10.22 3.52
C ARG A 114 12.17 11.35 4.45
N ASN A 115 11.22 12.05 5.06
CA ASN A 115 11.53 13.21 5.90
C ASN A 115 11.10 13.06 7.35
N GLY A 116 10.51 11.93 7.73
CA GLY A 116 10.13 11.84 9.13
C GLY A 116 8.95 12.77 9.38
N GLU A 117 8.73 13.04 10.66
CA GLU A 117 7.53 13.75 11.07
C GLU A 117 7.35 15.03 10.27
N SER A 118 8.44 15.72 9.94
CA SER A 118 8.36 17.01 9.29
C SER A 118 7.88 16.92 7.84
N GLY A 119 8.05 15.75 7.20
CA GLY A 119 7.50 15.59 5.87
C GLY A 119 5.99 15.49 5.83
N LEU A 120 5.37 15.03 6.93
CA LEU A 120 3.93 14.84 6.96
C LEU A 120 3.15 16.10 6.58
N SER A 121 3.72 17.29 6.77
CA SER A 121 3.01 18.54 6.55
C SER A 121 2.94 18.93 5.07
N ASN A 122 3.87 18.49 4.24
CA ASN A 122 3.81 18.69 2.80
C ASN A 122 4.39 17.48 2.11
N PRO A 123 3.54 16.52 1.73
CA PRO A 123 4.04 15.31 1.07
C PRO A 123 4.54 15.53 -0.34
N TYR A 124 4.47 16.75 -0.90
CA TYR A 124 4.75 16.97 -2.31
C TYR A 124 5.95 17.89 -2.54
N THR A 125 6.88 17.92 -1.59
CA THR A 125 8.17 18.53 -1.86
C THR A 125 8.90 17.77 -2.97
N GLN A 126 9.81 18.47 -3.63
CA GLN A 126 10.50 17.88 -4.76
C GLN A 126 11.33 16.70 -4.31
N ASP A 127 11.92 16.79 -3.12
CA ASP A 127 12.69 15.70 -2.56
C ASP A 127 11.86 14.44 -2.48
N ILE A 128 10.68 14.51 -1.83
CA ILE A 128 9.84 13.34 -1.70
C ILE A 128 9.34 12.87 -3.06
N THR A 129 9.00 13.82 -3.93
CA THR A 129 8.55 13.42 -5.26
C THR A 129 9.66 12.70 -6.03
N ASN A 130 10.93 13.08 -5.81
CA ASN A 130 12.02 12.34 -6.43
C ASN A 130 12.18 10.95 -5.83
N TYR A 131 11.83 10.76 -4.56
CA TYR A 131 11.85 9.41 -4.04
C TYR A 131 10.77 8.56 -4.71
N LYS A 132 9.53 9.07 -4.74
CA LYS A 132 8.42 8.32 -5.34
C LYS A 132 8.77 7.79 -6.73
N ASP A 133 9.15 8.70 -7.63
CA ASP A 133 9.31 8.33 -9.02
C ASP A 133 10.46 7.35 -9.22
N ALA A 134 11.53 7.51 -8.46
CA ALA A 134 12.59 6.51 -8.50
C ALA A 134 12.02 5.14 -8.17
N VAL A 135 11.29 5.03 -7.05
CA VAL A 135 10.72 3.74 -6.68
C VAL A 135 9.74 3.27 -7.74
N ASN A 136 8.97 4.20 -8.32
CA ASN A 136 8.04 3.87 -9.39
C ASN A 136 8.78 3.40 -10.64
N TRP A 137 9.90 4.04 -10.96
CA TRP A 137 10.69 3.55 -12.09
C TRP A 137 11.15 2.10 -11.85
N ILE A 138 11.70 1.83 -10.65
CA ILE A 138 12.22 0.49 -10.35
C ILE A 138 11.12 -0.55 -10.43
N HIS A 139 9.94 -0.24 -9.88
CA HIS A 139 8.80 -1.13 -10.00
C HIS A 139 8.49 -1.44 -11.45
N ASP A 140 8.53 -0.43 -12.33
CA ASP A 140 8.24 -0.67 -13.73
C ASP A 140 9.22 -1.68 -14.33
N GLN A 141 10.49 -1.61 -13.92
CA GLN A 141 11.48 -2.52 -14.46
C GLN A 141 11.20 -3.94 -14.01
N LEU A 142 11.07 -4.15 -12.69
CA LEU A 142 10.76 -5.47 -12.15
C LEU A 142 9.44 -6.02 -12.68
N ALA A 143 8.51 -5.16 -13.08
CA ALA A 143 7.24 -5.62 -13.59
C ALA A 143 7.23 -5.76 -15.10
N SER A 144 8.34 -5.47 -15.78
CA SER A 144 8.35 -5.58 -17.22
C SER A 144 8.61 -7.00 -17.71
N ASP A 145 9.17 -7.86 -16.85
CA ASP A 145 9.58 -9.23 -17.18
C ASP A 145 9.76 -10.03 -15.89
N PRO A 146 9.08 -11.18 -15.74
CA PRO A 146 9.17 -11.93 -14.49
C PRO A 146 10.52 -12.58 -14.24
N LYS A 147 11.42 -12.62 -15.21
CA LYS A 147 12.76 -13.09 -14.92
C LYS A 147 13.46 -12.19 -13.91
N TYR A 148 13.07 -10.92 -13.82
CA TYR A 148 13.70 -9.97 -12.91
C TYR A 148 13.30 -10.17 -11.47
N LEU A 149 12.34 -11.07 -11.21
CA LEU A 149 11.93 -11.39 -9.85
C LEU A 149 12.78 -12.49 -9.23
N SER A 150 13.67 -13.13 -10.01
CA SER A 150 14.51 -14.21 -9.49
C SER A 150 15.94 -14.20 -10.03
N ASP A 151 16.31 -13.25 -10.87
CA ASP A 151 17.70 -13.12 -11.27
C ASP A 151 18.44 -12.17 -10.32
N ASP A 152 19.68 -11.83 -10.66
CA ASP A 152 20.48 -10.94 -9.82
C ASP A 152 20.47 -9.49 -10.32
N THR A 153 19.50 -9.14 -11.16
CA THR A 153 19.41 -7.78 -11.67
C THR A 153 18.94 -6.84 -10.56
N ARG A 154 19.79 -5.88 -10.21
CA ARG A 154 19.37 -4.75 -9.39
C ARG A 154 19.14 -3.56 -10.29
N PHE A 155 17.89 -3.07 -10.35
CA PHE A 155 17.59 -1.78 -10.94
C PHE A 155 17.87 -0.68 -9.91
N TRP A 156 18.74 0.26 -10.24
CA TRP A 156 19.14 1.31 -9.30
C TRP A 156 18.84 2.69 -9.88
N VAL A 157 18.54 3.62 -8.98
CA VAL A 157 18.38 5.04 -9.31
C VAL A 157 19.19 5.84 -8.30
N ASP A 158 19.86 6.88 -8.76
CA ASP A 158 20.76 7.64 -7.89
C ASP A 158 19.94 8.53 -6.96
N VAL A 159 19.74 8.04 -5.74
CA VAL A 159 19.03 8.71 -4.64
C VAL A 159 17.76 9.39 -5.13
N ALA B 1 -17.95 21.80 -2.96
CA ALA B 1 -19.14 21.02 -3.28
C ALA B 1 -18.73 19.65 -3.69
N ASP B 2 -17.54 19.59 -4.28
CA ASP B 2 -17.00 18.31 -4.68
C ASP B 2 -16.86 17.37 -3.48
N ARG B 3 -16.90 17.90 -2.26
CA ARG B 3 -16.73 17.11 -1.04
C ARG B 3 -17.61 17.66 0.07
N GLY B 4 -17.71 16.90 1.15
CA GLY B 4 -18.46 17.32 2.31
C GLY B 4 -18.66 16.16 3.26
N THR B 5 -19.55 16.38 4.24
CA THR B 5 -19.83 15.41 5.30
C THR B 5 -21.31 15.04 5.32
N GLU B 6 -21.58 13.83 5.80
CA GLU B 6 -22.93 13.35 5.99
C GLU B 6 -22.91 12.25 7.03
N THR B 7 -24.04 12.07 7.72
CA THR B 7 -24.12 11.09 8.79
C THR B 7 -24.83 9.84 8.33
N VAL B 8 -24.23 8.69 8.60
CA VAL B 8 -24.80 7.38 8.28
C VAL B 8 -24.98 6.63 9.59
N PRO B 9 -26.21 6.47 10.09
CA PRO B 9 -26.40 5.82 11.39
C PRO B 9 -25.84 4.41 11.41
N GLY B 10 -25.16 4.08 12.52
CA GLY B 10 -24.53 2.79 12.70
C GLY B 10 -23.27 2.55 11.91
N LEU B 11 -22.90 3.45 11.01
CA LEU B 11 -21.71 3.21 10.19
C LEU B 11 -20.48 2.99 11.06
N GLY B 12 -20.35 3.71 12.17
CA GLY B 12 -19.20 3.56 13.03
C GLY B 12 -18.96 2.13 13.46
N GLN B 13 -20.02 1.35 13.60
CA GLN B 13 -19.87 -0.06 13.96
C GLN B 13 -19.15 -0.82 12.85
N ARG B 14 -19.43 -0.46 11.60
CA ARG B 14 -18.75 -1.08 10.49
C ARG B 14 -17.32 -0.58 10.34
N LYS B 15 -17.11 0.73 10.53
CA LYS B 15 -15.75 1.26 10.49
C LYS B 15 -14.83 0.44 11.39
N GLN B 16 -15.28 0.16 12.59
CA GLN B 16 -14.41 -0.50 13.55
C GLN B 16 -14.24 -1.97 13.19
N GLN B 17 -15.28 -2.58 12.59
CA GLN B 17 -15.11 -3.96 12.12
C GLN B 17 -14.03 -4.03 11.05
N ILE B 18 -14.03 -3.08 10.12
CA ILE B 18 -13.01 -3.08 9.10
C ILE B 18 -11.63 -2.84 9.71
N LEU B 19 -11.52 -1.94 10.68
CA LEU B 19 -10.20 -1.62 11.21
C LEU B 19 -9.65 -2.73 12.07
N ASN B 20 -10.52 -3.51 12.71
CA ASN B 20 -10.12 -4.62 13.55
C ASN B 20 -10.37 -5.97 12.87
N SER B 21 -10.46 -5.96 11.54
CA SER B 21 -10.36 -7.18 10.72
C SER B 21 -9.08 -7.21 9.89
N GLY B 22 -8.13 -6.32 10.15
CA GLY B 22 -6.92 -6.22 9.35
C GLY B 22 -6.78 -4.95 8.53
N GLY B 23 -7.85 -4.15 8.40
CA GLY B 23 -7.79 -2.98 7.55
C GLY B 23 -7.19 -1.76 8.23
N GLY B 24 -6.56 -0.90 7.42
CA GLY B 24 -6.04 0.36 7.89
C GLY B 24 -6.94 1.53 7.49
N VAL B 25 -6.56 2.71 7.99
CA VAL B 25 -7.32 3.93 7.70
C VAL B 25 -7.36 4.19 6.19
N TRP B 26 -6.28 3.85 5.49
CA TRP B 26 -6.26 4.02 4.04
C TRP B 26 -7.31 3.13 3.36
N ASP B 27 -7.46 1.88 3.82
CA ASP B 27 -8.54 1.02 3.31
C ASP B 27 -9.91 1.63 3.58
N LEU B 28 -10.11 2.18 4.78
CA LEU B 28 -11.39 2.75 5.14
C LEU B 28 -11.70 3.96 4.28
N ALA B 29 -10.69 4.77 3.98
CA ALA B 29 -10.86 5.85 3.03
C ALA B 29 -11.40 5.33 1.70
N ILE B 30 -10.74 4.31 1.15
CA ILE B 30 -11.18 3.77 -0.13
C ILE B 30 -12.60 3.23 -0.01
N ALA B 31 -12.84 2.35 0.98
CA ALA B 31 -14.18 1.80 1.18
C ALA B 31 -15.22 2.90 1.34
N MET B 32 -14.84 4.00 1.98
CA MET B 32 -15.82 5.04 2.30
C MET B 32 -16.34 5.72 1.05
N LEU B 33 -15.57 5.74 -0.03
CA LEU B 33 -16.02 6.35 -1.26
C LEU B 33 -16.73 5.36 -2.19
N GLU B 34 -16.45 4.06 -2.06
CA GLU B 34 -17.11 3.08 -2.91
C GLU B 34 -18.61 2.97 -2.61
N THR B 35 -18.98 2.83 -1.34
CA THR B 35 -20.39 2.73 -0.95
C THR B 35 -20.65 3.64 0.24
N LYS B 36 -21.93 3.78 0.58
CA LYS B 36 -22.37 4.63 1.68
C LYS B 36 -22.34 3.90 3.02
N ASN B 37 -22.73 2.62 3.04
CA ASN B 37 -22.80 1.86 4.27
C ASN B 37 -21.58 0.97 4.48
N LEU B 38 -20.51 1.19 3.72
CA LEU B 38 -19.31 0.35 3.80
C LEU B 38 -19.66 -1.15 3.73
N GLY B 39 -20.75 -1.49 3.04
CA GLY B 39 -21.16 -2.85 2.91
C GLY B 39 -20.87 -3.41 1.54
N THR B 40 -21.59 -4.47 1.21
CA THR B 40 -21.47 -5.09 -0.12
C THR B 40 -22.83 -5.45 -0.69
N ASP B 41 -23.88 -4.69 -0.35
CA ASP B 41 -25.25 -5.05 -0.72
C ASP B 41 -25.72 -4.37 -1.99
N TYR B 42 -24.81 -3.73 -2.73
CA TYR B 42 -25.06 -3.26 -4.09
C TYR B 42 -25.27 -4.45 -5.03
N VAL B 43 -25.80 -4.16 -6.23
CA VAL B 43 -26.16 -5.25 -7.13
C VAL B 43 -24.95 -6.14 -7.38
N TYR B 44 -25.19 -7.45 -7.42
CA TYR B 44 -24.15 -8.43 -7.70
C TYR B 44 -23.30 -8.01 -8.88
N GLY B 45 -21.98 -7.96 -8.67
CA GLY B 45 -21.04 -7.51 -9.67
C GLY B 45 -21.05 -6.02 -9.94
N ASP B 46 -21.86 -5.26 -9.19
CA ASP B 46 -22.23 -3.89 -9.53
C ASP B 46 -22.77 -3.80 -10.96
N GLY B 47 -23.51 -4.85 -11.34
CA GLY B 47 -24.11 -4.94 -12.65
C GLY B 47 -23.17 -5.18 -13.80
N LYS B 48 -21.90 -5.47 -13.52
CA LYS B 48 -20.94 -5.81 -14.57
C LYS B 48 -20.60 -7.29 -14.52
N THR B 49 -20.03 -7.80 -15.61
CA THR B 49 -19.65 -9.19 -15.72
C THR B 49 -18.21 -9.36 -16.17
N TYR B 50 -17.68 -10.57 -15.94
CA TYR B 50 -16.34 -10.97 -16.38
C TYR B 50 -15.32 -10.02 -15.79
N ASP B 51 -14.36 -9.50 -16.57
CA ASP B 51 -13.23 -8.81 -15.97
C ASP B 51 -13.64 -7.53 -15.29
N SER B 52 -14.78 -6.95 -15.68
CA SER B 52 -15.26 -5.69 -15.12
C SER B 52 -15.98 -5.84 -13.79
N ALA B 53 -16.50 -7.03 -13.47
CA ALA B 53 -17.38 -7.17 -12.33
C ALA B 53 -16.69 -6.74 -11.05
N ASN B 54 -17.42 -6.01 -10.20
CA ASN B 54 -16.92 -5.49 -8.92
C ASN B 54 -17.38 -6.36 -7.77
N PHE B 55 -16.53 -6.45 -6.75
CA PHE B 55 -16.80 -7.28 -5.58
C PHE B 55 -16.23 -6.62 -4.32
N GLY B 56 -16.83 -6.94 -3.19
CA GLY B 56 -16.38 -6.45 -1.89
C GLY B 56 -16.59 -4.95 -1.66
N ILE B 57 -16.27 -4.54 -0.43
CA ILE B 57 -16.47 -3.17 0.01
C ILE B 57 -15.65 -2.19 -0.78
N PHE B 58 -14.55 -2.63 -1.40
CA PHE B 58 -13.80 -1.70 -2.24
C PHE B 58 -14.23 -1.73 -3.70
N LYS B 59 -15.18 -2.60 -4.08
CA LYS B 59 -15.59 -2.74 -5.47
C LYS B 59 -14.41 -3.04 -6.37
N GLN B 60 -13.59 -3.99 -5.95
CA GLN B 60 -12.51 -4.46 -6.81
C GLN B 60 -13.09 -5.20 -8.00
N ASN B 61 -12.42 -5.10 -9.15
CA ASN B 61 -12.83 -5.79 -10.37
C ASN B 61 -12.07 -7.09 -10.56
N TRP B 62 -12.72 -8.02 -11.27
CA TRP B 62 -12.20 -9.37 -11.38
C TRP B 62 -10.82 -9.41 -12.01
N PHE B 63 -10.58 -8.56 -13.01
CA PHE B 63 -9.27 -8.52 -13.65
C PHE B 63 -8.16 -8.30 -12.63
N MET B 64 -8.33 -7.28 -11.79
CA MET B 64 -7.33 -6.99 -10.77
C MET B 64 -7.21 -8.13 -9.79
N LEU B 65 -8.33 -8.73 -9.40
CA LEU B 65 -8.27 -9.84 -8.47
C LEU B 65 -7.54 -11.03 -9.09
N ARG B 66 -7.79 -11.32 -10.36
CA ARG B 66 -7.19 -12.50 -10.95
C ARG B 66 -5.76 -12.28 -11.41
N THR B 67 -5.25 -11.04 -11.33
CA THR B 67 -3.86 -10.77 -11.70
C THR B 67 -2.95 -10.46 -10.52
N SER B 68 -3.48 -10.17 -9.34
CA SER B 68 -2.64 -9.58 -8.32
C SER B 68 -2.97 -9.98 -6.89
N THR B 69 -3.88 -10.92 -6.69
CA THR B 69 -4.19 -11.37 -5.33
C THR B 69 -3.75 -12.82 -5.23
N SER B 70 -3.32 -13.23 -4.04
CA SER B 70 -2.89 -14.62 -3.88
C SER B 70 -4.07 -15.58 -3.92
N GLN B 71 -5.27 -15.10 -3.60
CA GLN B 71 -6.44 -15.96 -3.60
C GLN B 71 -6.98 -16.22 -5.00
N PHE B 72 -6.85 -15.26 -5.92
CA PHE B 72 -7.44 -15.44 -7.25
C PHE B 72 -6.44 -15.41 -8.41
N LYS B 73 -5.18 -15.05 -8.16
CA LYS B 73 -4.09 -15.16 -9.14
C LYS B 73 -4.22 -16.40 -10.03
N GLY B 74 -4.14 -16.18 -11.34
CA GLY B 74 -4.09 -17.24 -12.31
C GLY B 74 -5.42 -17.71 -12.83
N GLN B 75 -6.52 -17.39 -12.15
CA GLN B 75 -7.83 -17.77 -12.62
C GLN B 75 -8.18 -17.00 -13.89
N THR B 76 -9.26 -17.42 -14.52
CA THR B 76 -9.60 -16.93 -15.85
C THR B 76 -10.75 -15.93 -15.76
N THR B 77 -10.91 -15.20 -16.86
CA THR B 77 -12.07 -14.33 -17.02
C THR B 77 -13.36 -15.13 -16.83
N ASN B 78 -13.38 -16.35 -17.34
CA ASN B 78 -14.61 -17.13 -17.23
C ASN B 78 -14.94 -17.51 -15.80
N GLN B 79 -13.99 -17.42 -14.87
CA GLN B 79 -14.20 -17.81 -13.48
C GLN B 79 -14.53 -16.62 -12.56
N TRP B 80 -14.94 -15.49 -13.15
CA TRP B 80 -15.16 -14.25 -12.41
C TRP B 80 -16.14 -14.40 -11.24
N ASN B 81 -17.01 -15.41 -11.24
CA ASN B 81 -17.94 -15.53 -10.12
C ASN B 81 -17.23 -15.94 -8.84
N ASN B 82 -16.02 -16.52 -8.95
CA ASN B 82 -15.24 -16.89 -7.78
C ASN B 82 -14.91 -15.69 -6.91
N GLY B 83 -14.95 -14.48 -7.47
CA GLY B 83 -14.72 -13.29 -6.68
C GLY B 83 -15.85 -12.94 -5.76
N ALA B 84 -17.02 -13.57 -5.94
CA ALA B 84 -18.19 -13.26 -5.10
C ALA B 84 -17.92 -13.56 -3.63
N VAL B 85 -17.05 -14.52 -3.33
CA VAL B 85 -16.72 -14.88 -1.95
C VAL B 85 -16.30 -13.65 -1.13
N LEU B 86 -15.77 -12.60 -1.78
CA LEU B 86 -15.42 -11.41 -1.03
C LEU B 86 -16.64 -10.64 -0.57
N ASN B 87 -17.81 -10.88 -1.19
CA ASN B 87 -19.01 -10.18 -0.77
C ASN B 87 -19.40 -10.53 0.65
N SER B 88 -18.85 -11.62 1.20
CA SER B 88 -19.28 -12.09 2.51
C SER B 88 -18.15 -12.64 3.37
N ASN B 89 -16.89 -12.48 2.97
CA ASN B 89 -15.76 -12.79 3.83
C ASN B 89 -14.89 -11.54 3.87
N LEU B 90 -15.00 -10.78 4.97
CA LEU B 90 -14.39 -9.45 5.02
C LEU B 90 -12.88 -9.52 5.21
N GLN B 91 -12.41 -10.52 5.98
CA GLN B 91 -10.97 -10.71 6.11
C GLN B 91 -10.33 -10.93 4.75
N GLN B 92 -10.98 -11.70 3.87
CA GLN B 92 -10.41 -11.96 2.55
C GLN B 92 -10.53 -10.74 1.63
N ASP B 93 -11.65 -10.01 1.71
CA ASP B 93 -11.81 -8.77 0.96
C ASP B 93 -10.65 -7.81 1.24
N ILE B 94 -10.39 -7.51 2.52
CA ILE B 94 -9.32 -6.57 2.88
C ILE B 94 -7.96 -7.13 2.48
N LYS B 95 -7.73 -8.43 2.75
CA LYS B 95 -6.44 -9.03 2.40
C LYS B 95 -6.22 -8.99 0.89
N ALA B 96 -7.28 -9.12 0.10
CA ALA B 96 -7.15 -9.11 -1.35
C ALA B 96 -6.77 -7.72 -1.87
N ARG B 97 -7.44 -6.68 -1.37
CA ARG B 97 -7.08 -5.32 -1.80
C ARG B 97 -5.65 -4.96 -1.40
N GLN B 98 -5.19 -5.46 -0.26
CA GLN B 98 -3.87 -5.06 0.23
C GLN B 98 -2.75 -5.70 -0.59
N GLU B 99 -2.95 -6.95 -1.02
CA GLU B 99 -1.93 -7.57 -1.85
C GLU B 99 -1.96 -7.01 -3.26
N SER B 100 -3.14 -6.64 -3.76
CA SER B 100 -3.23 -6.08 -5.11
C SER B 100 -2.43 -4.79 -5.20
N GLN B 101 -2.63 -3.88 -4.25
CA GLN B 101 -1.87 -2.63 -4.26
C GLN B 101 -0.40 -2.88 -3.97
N ASN B 102 -0.08 -3.94 -3.23
CA ASN B 102 1.32 -4.22 -2.96
C ASN B 102 1.98 -5.01 -4.08
N TYR B 103 1.20 -5.48 -5.05
CA TYR B 103 1.73 -6.09 -6.25
C TYR B 103 1.87 -5.06 -7.37
N TYR B 104 0.84 -4.24 -7.59
CA TYR B 104 0.87 -3.23 -8.64
C TYR B 104 1.54 -1.92 -8.22
N GLY B 105 1.67 -1.65 -6.93
CA GLY B 105 2.03 -0.33 -6.46
C GLY B 105 0.81 0.55 -6.45
N PRO B 106 0.80 1.58 -5.58
CA PRO B 106 -0.42 2.43 -5.45
C PRO B 106 -0.84 3.15 -6.72
N ASP B 107 0.11 3.69 -7.49
CA ASP B 107 -0.22 4.36 -8.75
C ASP B 107 -0.93 3.42 -9.71
N LYS B 108 -0.29 2.29 -10.02
CA LYS B 108 -0.89 1.35 -10.95
C LYS B 108 -2.12 0.67 -10.36
N TRP B 109 -2.16 0.45 -9.04
CA TRP B 109 -3.38 -0.10 -8.45
C TRP B 109 -4.57 0.80 -8.74
N PHE B 110 -4.48 2.06 -8.33
CA PHE B 110 -5.50 3.05 -8.66
C PHE B 110 -5.88 2.98 -10.13
N ALA B 111 -4.89 2.84 -11.00
CA ALA B 111 -5.12 2.78 -12.44
C ALA B 111 -5.95 1.57 -12.83
N GLY B 112 -5.56 0.38 -12.36
CA GLY B 112 -6.33 -0.82 -12.66
C GLY B 112 -7.66 -0.86 -11.93
N HIS B 113 -7.69 -0.32 -10.72
CA HIS B 113 -8.94 -0.34 -9.96
C HIS B 113 -9.98 0.54 -10.62
N ARG B 114 -9.57 1.72 -11.06
CA ARG B 114 -10.50 2.72 -11.58
C ARG B 114 -10.88 2.46 -13.03
N ASN B 115 -9.91 2.08 -13.85
CA ASN B 115 -10.09 1.98 -15.30
C ASN B 115 -9.92 0.56 -15.81
N GLY B 116 -9.78 -0.41 -14.92
CA GLY B 116 -9.67 -1.76 -15.40
C GLY B 116 -8.34 -1.98 -16.08
N GLU B 117 -8.30 -3.03 -16.90
CA GLU B 117 -7.08 -3.40 -17.59
C GLU B 117 -6.54 -2.27 -18.46
N SER B 118 -7.41 -1.51 -19.14
CA SER B 118 -6.94 -0.44 -20.01
C SER B 118 -6.18 0.64 -19.25
N GLY B 119 -6.43 0.80 -17.96
CA GLY B 119 -5.75 1.83 -17.20
C GLY B 119 -4.28 1.54 -16.93
N LEU B 120 -3.86 0.29 -17.11
CA LEU B 120 -2.47 -0.04 -16.80
C LEU B 120 -1.51 0.46 -17.87
N SER B 121 -2.02 0.70 -19.09
CA SER B 121 -1.19 1.28 -20.13
C SER B 121 -0.54 2.57 -19.67
N ASN B 122 -1.30 3.39 -18.90
CA ASN B 122 -0.81 4.68 -18.43
C ASN B 122 -1.51 5.01 -17.13
N PRO B 123 -0.82 4.85 -15.99
CA PRO B 123 -1.45 5.04 -14.69
C PRO B 123 -1.77 6.48 -14.31
N TYR B 124 -1.47 7.49 -15.15
CA TYR B 124 -1.42 8.88 -14.70
C TYR B 124 -2.28 9.81 -15.54
N THR B 125 -3.29 9.30 -16.24
CA THR B 125 -4.29 10.19 -16.79
C THR B 125 -4.94 11.00 -15.67
N GLN B 126 -5.43 12.19 -16.01
CA GLN B 126 -6.00 13.06 -14.99
C GLN B 126 -7.10 12.36 -14.20
N ASP B 127 -7.98 11.66 -14.91
CA ASP B 127 -9.00 10.80 -14.32
C ASP B 127 -8.53 10.07 -13.07
N ILE B 128 -7.37 9.43 -13.16
CA ILE B 128 -6.94 8.52 -12.10
C ILE B 128 -6.23 9.25 -10.97
N THR B 129 -5.57 10.37 -11.28
CA THR B 129 -4.94 11.15 -10.22
C THR B 129 -5.94 11.95 -9.40
N ASN B 130 -7.06 12.36 -10.01
CA ASN B 130 -8.11 13.03 -9.26
C ASN B 130 -8.68 12.12 -8.20
N TYR B 131 -9.19 10.96 -8.63
CA TYR B 131 -9.74 9.98 -7.70
C TYR B 131 -8.75 9.63 -6.59
N LYS B 132 -7.47 9.49 -6.94
CA LYS B 132 -6.46 9.26 -5.91
C LYS B 132 -6.45 10.39 -4.89
N ASP B 133 -6.38 11.64 -5.38
CA ASP B 133 -6.36 12.79 -4.47
C ASP B 133 -7.66 12.89 -3.69
N ALA B 134 -8.78 12.48 -4.28
CA ALA B 134 -10.03 12.46 -3.56
C ALA B 134 -9.95 11.52 -2.36
N VAL B 135 -9.46 10.30 -2.60
CA VAL B 135 -9.26 9.34 -1.50
C VAL B 135 -8.26 9.90 -0.51
N ASN B 136 -7.23 10.60 -0.99
CA ASN B 136 -6.32 11.26 -0.08
C ASN B 136 -7.06 12.25 0.81
N TRP B 137 -8.00 13.00 0.23
CA TRP B 137 -8.74 13.99 1.00
C TRP B 137 -9.56 13.32 2.10
N ILE B 138 -10.30 12.27 1.74
CA ILE B 138 -11.03 11.51 2.77
C ILE B 138 -10.09 11.03 3.85
N HIS B 139 -8.86 10.64 3.47
CA HIS B 139 -7.95 10.06 4.45
C HIS B 139 -7.46 11.11 5.44
N ASP B 140 -7.15 12.33 4.97
CA ASP B 140 -6.73 13.38 5.88
C ASP B 140 -7.85 13.79 6.84
N GLN B 141 -9.10 13.75 6.37
CA GLN B 141 -10.22 14.02 7.26
C GLN B 141 -10.33 12.95 8.34
N LEU B 142 -10.28 11.68 7.95
CA LEU B 142 -10.35 10.58 8.91
C LEU B 142 -9.18 10.61 9.89
N ALA B 143 -8.01 11.03 9.43
CA ALA B 143 -6.82 11.08 10.28
C ALA B 143 -6.70 12.39 11.03
N SER B 144 -7.53 13.40 10.73
CA SER B 144 -7.46 14.66 11.44
C SER B 144 -8.08 14.61 12.83
N ASP B 145 -8.82 13.54 13.14
CA ASP B 145 -9.48 13.39 14.43
C ASP B 145 -9.96 11.96 14.55
N PRO B 146 -9.38 11.18 15.46
CA PRO B 146 -9.69 9.74 15.48
C PRO B 146 -11.14 9.40 15.79
N LYS B 147 -11.92 10.33 16.33
CA LYS B 147 -13.34 10.09 16.50
C LYS B 147 -14.03 9.71 15.18
N TYR B 148 -13.47 10.14 14.05
CA TYR B 148 -14.01 9.73 12.77
C TYR B 148 -13.78 8.25 12.47
N LEU B 149 -12.89 7.59 13.21
CA LEU B 149 -12.63 6.17 13.04
C LEU B 149 -13.71 5.30 13.68
N SER B 150 -14.68 5.90 14.36
CA SER B 150 -15.68 5.13 15.08
C SER B 150 -17.01 5.83 15.25
N ASP B 151 -17.17 7.07 14.82
CA ASP B 151 -18.48 7.69 14.82
C ASP B 151 -19.18 7.32 13.52
N ASP B 152 -20.31 7.98 13.25
CA ASP B 152 -21.13 7.70 12.08
C ASP B 152 -20.90 8.68 10.93
N THR B 153 -19.86 9.50 11.00
CA THR B 153 -19.59 10.44 9.91
C THR B 153 -19.07 9.72 8.68
N ARG B 154 -19.55 10.12 7.51
CA ARG B 154 -18.97 9.72 6.24
C ARG B 154 -18.49 10.96 5.50
N PHE B 155 -17.24 10.90 5.01
CA PHE B 155 -16.70 11.93 4.15
C PHE B 155 -16.87 11.49 2.71
N TRP B 156 -17.47 12.34 1.89
CA TRP B 156 -17.76 11.97 0.52
C TRP B 156 -17.10 12.97 -0.41
N VAL B 157 -16.78 12.52 -1.60
CA VAL B 157 -16.24 13.36 -2.65
C VAL B 157 -17.01 13.05 -3.92
N ASP B 158 -17.18 14.08 -4.74
CA ASP B 158 -17.97 13.98 -5.97
C ASP B 158 -17.33 13.04 -6.98
C1 BMA C . 26.80 2.64 -9.51
C2 BMA C . 26.60 1.59 -8.42
C3 BMA C . 25.19 1.57 -7.96
C4 BMA C . 24.64 2.93 -7.63
C5 BMA C . 25.07 4.01 -8.62
C6 BMA C . 24.70 5.37 -8.13
O1 BMA C . 28.05 2.63 -10.04
O2 BMA C . 27.46 1.91 -7.32
O3 BMA C . 25.15 0.77 -6.73
O4 BMA C . 23.47 2.93 -6.78
O5 BMA C . 26.52 3.96 -8.86
O6 BMA C . 25.24 5.55 -6.84
C1 BMA C . 23.18 3.38 -5.54
C2 BMA C . 21.92 4.24 -5.52
C3 BMA C . 21.65 4.72 -4.13
C4 BMA C . 21.58 3.62 -3.11
C5 BMA C . 22.79 2.68 -3.24
C6 BMA C . 22.69 1.48 -2.33
O2 BMA C . 20.81 3.42 -5.93
O3 BMA C . 20.43 5.52 -4.11
O4 BMA C . 21.64 4.33 -1.78
O5 BMA C . 22.98 2.22 -4.63
O6 BMA C . 23.98 0.93 -2.14
C1 BMA C . 20.53 4.35 -0.99
C2 BMA C . 20.94 4.50 0.47
C3 BMA C . 19.76 4.64 1.35
C4 BMA C . 18.82 5.71 0.91
C5 BMA C . 18.40 5.49 -0.55
C6 BMA C . 17.44 6.54 -1.04
O2 BMA C . 21.70 5.70 0.63
O3 BMA C . 20.28 4.97 2.67
O4 BMA C . 17.58 5.99 1.58
O5 BMA C . 19.60 5.46 -1.41
O6 BMA C . 18.01 7.81 -0.97
C1 BMA C . 17.47 6.11 2.94
C2 BMA C . 18.13 7.41 3.38
C3 BMA C . 17.91 7.66 4.84
C4 BMA C . 16.45 7.71 5.17
C5 BMA C . 15.82 6.37 4.79
C6 BMA C . 14.37 6.35 5.12
O2 BMA C . 17.52 8.48 2.63
O3 BMA C . 18.57 8.91 5.21
O4 BMA C . 16.11 8.62 6.11
O5 BMA C . 16.01 6.07 3.35
O6 BMA C . 13.67 6.70 3.96
C1 BMA C . 15.28 9.53 6.85
C2 BMA C . 15.20 9.08 8.31
C3 BMA C . 14.42 10.08 9.14
C4 BMA C . 14.91 11.50 8.89
C5 BMA C . 14.97 11.80 7.40
C6 BMA C . 15.48 13.21 7.13
O2 BMA C . 16.53 8.96 8.83
O3 BMA C . 14.57 9.76 10.53
O4 BMA C . 14.02 12.43 9.52
O5 BMA C . 15.83 10.84 6.77
O6 BMA C . 16.45 13.57 8.12
C1 BMA D . -17.30 3.14 -9.48
C2 BMA D . -17.09 3.44 -10.97
C3 BMA D . -16.81 2.24 -11.82
C4 BMA D . -15.82 1.29 -11.21
C5 BMA D . -16.01 1.05 -9.70
C6 BMA D . -14.81 0.33 -9.14
O1 BMA D . -17.33 4.32 -8.80
O2 BMA D . -15.98 4.35 -11.03
O3 BMA D . -16.31 2.68 -13.13
O4 BMA D . -15.38 0.11 -11.94
O5 BMA D . -16.20 2.29 -8.94
O6 BMA D . -13.65 1.10 -9.39
C1 BMA D . -14.39 0.01 -12.88
C2 BMA D . -14.06 -1.46 -13.10
C3 BMA D . -13.08 -1.64 -14.21
C4 BMA D . -13.55 -1.01 -15.48
C5 BMA D . -13.99 0.45 -15.30
C6 BMA D . -14.75 0.89 -16.50
O2 BMA D . -15.28 -2.15 -13.41
O3 BMA D . -12.88 -3.07 -14.40
O4 BMA D . -12.68 -0.93 -16.61
O5 BMA D . -14.90 0.62 -14.15
O6 BMA D . -15.93 0.14 -16.55
C1 BMA D . -12.93 -1.74 -17.68
C2 BMA D . -12.22 -1.18 -18.90
C3 BMA D . -12.35 -2.09 -20.07
C4 BMA D . -11.94 -3.50 -19.76
C5 BMA D . -12.64 -4.04 -18.51
C6 BMA D . -12.04 -5.36 -18.15
O2 BMA D . -10.83 -1.00 -18.59
O3 BMA D . -11.50 -1.59 -21.15
O4 BMA D . -12.08 -4.30 -20.64
O5 BMA D . -12.48 -3.13 -17.35
O6 BMA D . -10.73 -5.16 -17.70
#